data_7XHF
#
_entry.id   7XHF
#
_cell.length_a   81.874
_cell.length_b   81.874
_cell.length_c   94.247
_cell.angle_alpha   90.000
_cell.angle_beta   90.000
_cell.angle_gamma   120.000
#
_symmetry.space_group_name_H-M   'P 31 2 1'
#
loop_
_entity.id
_entity.type
_entity.pdbx_description
1 polymer 'Ras GTPase-activating protein-binding protein 1'
2 polymer USP10/6-21
#
loop_
_entity_poly.entity_id
_entity_poly.type
_entity_poly.pdbx_seq_one_letter_code
_entity_poly.pdbx_strand_id
1 'polypeptide(L)'
;MVMEKPSPLLVGREFVRQYYTLLNQAPDMLHRFYGKNSSYVHGGLDSNGKPADAVYGQKEIHRKVMSQNFTNCHTKIRHV
DAHATLNDGVVVQVMGLLSNNNQALRRFMQTFVLAPEGSVANKFYVHNDIFRYQDEVFG
;
A,B
2 'polypeptide(L)' PQYIFGDFSPDEFNQF C,D
#
# COMPACT_ATOMS: atom_id res chain seq x y z
N PRO A 6 -1.36 -18.86 -5.89
CA PRO A 6 -2.34 -17.92 -5.25
C PRO A 6 -2.29 -16.52 -5.92
N SER A 7 -3.42 -16.06 -6.46
CA SER A 7 -3.52 -14.79 -7.22
C SER A 7 -3.64 -13.53 -6.35
N PRO A 8 -2.62 -12.66 -6.35
CA PRO A 8 -2.67 -11.47 -5.47
C PRO A 8 -3.96 -10.62 -5.57
N LEU A 9 -4.38 -10.32 -6.80
CA LEU A 9 -5.57 -9.49 -7.00
C LEU A 9 -6.80 -10.11 -6.30
N LEU A 10 -7.05 -11.39 -6.51
CA LEU A 10 -8.22 -12.09 -5.94
C LEU A 10 -8.20 -12.21 -4.41
N VAL A 11 -7.00 -12.49 -3.87
CA VAL A 11 -6.72 -12.48 -2.43
C VAL A 11 -7.09 -11.08 -1.90
N GLY A 12 -6.45 -10.09 -2.52
CA GLY A 12 -6.66 -8.71 -2.17
C GLY A 12 -8.10 -8.21 -2.27
N ARG A 13 -8.85 -8.62 -3.27
CA ARG A 13 -10.23 -8.19 -3.40
C ARG A 13 -11.08 -8.77 -2.32
N GLU A 14 -10.84 -10.02 -2.03
CA GLU A 14 -11.54 -10.75 -1.00
C GLU A 14 -11.21 -10.28 0.42
N PHE A 15 -9.93 -10.04 0.70
CA PHE A 15 -9.59 -9.45 1.99
C PHE A 15 -10.31 -8.11 2.17
N VAL A 16 -10.22 -7.30 1.14
CA VAL A 16 -10.78 -5.94 1.15
C VAL A 16 -12.24 -6.05 1.47
N ARG A 17 -12.95 -6.93 0.81
CA ARG A 17 -14.39 -7.18 1.10
C ARG A 17 -14.69 -7.66 2.59
N GLN A 18 -13.87 -8.58 3.13
CA GLN A 18 -14.00 -8.99 4.54
C GLN A 18 -13.72 -7.84 5.48
N TYR A 19 -12.61 -7.13 5.25
CA TYR A 19 -12.18 -6.14 6.22
C TYR A 19 -13.17 -5.01 6.41
N TYR A 20 -13.56 -4.37 5.32
CA TYR A 20 -14.48 -3.24 5.32
C TYR A 20 -15.89 -3.57 5.70
N THR A 21 -16.20 -4.74 5.50
CA THR A 21 -17.50 -5.24 5.80
C THR A 21 -17.55 -5.41 7.31
N LEU A 22 -16.51 -6.01 7.91
CA LEU A 22 -16.38 -6.23 9.34
C LEU A 22 -16.18 -4.93 10.07
N LEU A 23 -15.48 -3.99 9.46
CA LEU A 23 -15.48 -2.63 10.00
C LEU A 23 -16.88 -2.02 10.20
N ASN A 24 -17.78 -2.18 9.24
CA ASN A 24 -19.17 -1.70 9.43
C ASN A 24 -19.94 -2.52 10.50
N GLN A 25 -19.82 -3.83 10.41
CA GLN A 25 -20.59 -4.74 11.20
C GLN A 25 -20.19 -5.11 12.58
N ALA A 26 -18.92 -5.19 12.83
CA ALA A 26 -18.41 -5.59 14.15
C ALA A 26 -16.97 -5.22 14.29
N PRO A 27 -16.70 -3.93 14.55
CA PRO A 27 -15.31 -3.51 14.58
C PRO A 27 -14.54 -4.16 15.74
N ASP A 28 -15.23 -4.45 16.84
CA ASP A 28 -14.74 -5.30 17.96
C ASP A 28 -14.16 -6.67 17.59
N MET A 29 -14.35 -7.12 16.36
CA MET A 29 -13.72 -8.34 15.86
CA MET A 29 -13.71 -8.34 15.87
C MET A 29 -12.55 -8.06 14.92
N LEU A 30 -12.24 -6.82 14.64
CA LEU A 30 -11.24 -6.50 13.64
C LEU A 30 -9.89 -7.02 13.99
N HIS A 31 -9.60 -7.05 15.27
CA HIS A 31 -8.33 -7.55 15.81
C HIS A 31 -7.93 -8.96 15.35
N ARG A 32 -8.90 -9.75 14.92
CA ARG A 32 -8.62 -11.11 14.40
C ARG A 32 -7.98 -11.23 13.02
N PHE A 33 -7.96 -10.16 12.22
CA PHE A 33 -7.13 -10.18 11.00
C PHE A 33 -5.62 -10.15 11.26
N TYR A 34 -5.20 -9.75 12.44
CA TYR A 34 -3.79 -9.65 12.68
C TYR A 34 -3.09 -10.70 13.49
N GLY A 35 -1.78 -10.70 13.43
CA GLY A 35 -0.95 -11.64 14.16
C GLY A 35 -0.10 -10.93 15.18
N LYS A 36 0.66 -11.68 15.96
CA LYS A 36 1.51 -11.13 17.01
C LYS A 36 2.49 -10.08 16.56
N ASN A 37 2.96 -10.16 15.33
CA ASN A 37 3.89 -9.19 14.84
C ASN A 37 3.24 -7.97 14.22
N SER A 38 1.99 -8.11 13.83
CA SER A 38 1.23 -7.06 13.19
C SER A 38 1.39 -5.63 13.66
N SER A 39 1.44 -4.74 12.69
CA SER A 39 1.61 -3.31 12.89
C SER A 39 0.37 -2.59 12.44
N TYR A 40 -0.09 -1.64 13.22
CA TYR A 40 -1.29 -0.87 12.94
C TYR A 40 -0.97 0.57 13.09
N VAL A 41 -1.33 1.38 12.12
CA VAL A 41 -1.01 2.82 12.16
C VAL A 41 -2.24 3.54 11.63
N HIS A 42 -2.77 4.46 12.38
CA HIS A 42 -4.00 5.06 12.00
C HIS A 42 -4.21 6.42 12.62
N ALA A 52 1.45 9.93 16.66
CA ALA A 52 0.76 8.76 16.11
C ALA A 52 1.71 7.63 15.91
N ASP A 53 1.92 6.84 16.94
CA ASP A 53 2.82 5.73 16.84
C ASP A 53 2.06 4.51 16.40
N ALA A 54 2.79 3.47 16.06
CA ALA A 54 2.18 2.24 15.63
C ALA A 54 1.99 1.31 16.78
N VAL A 55 0.81 0.75 16.89
CA VAL A 55 0.55 -0.22 17.93
C VAL A 55 0.80 -1.58 17.37
N TYR A 56 1.25 -2.50 18.22
CA TYR A 56 1.68 -3.81 17.77
C TYR A 56 0.83 -4.88 18.42
N GLY A 57 0.68 -6.02 17.72
CA GLY A 57 -0.07 -7.19 18.20
C GLY A 57 -1.57 -7.04 18.40
N GLN A 58 -2.23 -8.16 18.51
CA GLN A 58 -3.66 -8.19 18.67
C GLN A 58 -4.33 -7.42 19.82
N LYS A 59 -3.77 -7.48 21.03
CA LYS A 59 -4.38 -6.82 22.19
C LYS A 59 -4.36 -5.34 21.98
N GLU A 60 -3.20 -4.79 21.69
CA GLU A 60 -3.11 -3.33 21.55
C GLU A 60 -3.91 -2.80 20.31
N ILE A 61 -3.95 -3.59 19.24
CA ILE A 61 -4.78 -3.26 18.05
C ILE A 61 -6.29 -3.21 18.35
N HIS A 62 -6.79 -4.21 19.09
CA HIS A 62 -8.17 -4.18 19.57
C HIS A 62 -8.44 -2.88 20.35
N ARG A 63 -7.62 -2.60 21.36
CA ARG A 63 -7.76 -1.33 22.11
C ARG A 63 -7.85 -0.12 21.14
N LYS A 64 -6.86 0.00 20.26
CA LYS A 64 -6.80 1.14 19.36
C LYS A 64 -7.99 1.16 18.40
N VAL A 65 -8.32 0.03 17.78
CA VAL A 65 -9.59 -0.10 17.04
C VAL A 65 -10.78 0.43 17.84
N MET A 66 -10.91 0.00 19.07
CA MET A 66 -12.05 0.44 19.88
C MET A 66 -11.94 1.90 20.37
N SER A 67 -10.72 2.44 20.53
CA SER A 67 -10.58 3.89 20.80
C SER A 67 -11.22 4.78 19.72
N GLN A 68 -11.45 4.24 18.54
CA GLN A 68 -11.92 5.08 17.42
C GLN A 68 -13.42 5.18 17.27
N ASN A 69 -14.10 4.41 18.08
CA ASN A 69 -15.51 4.42 18.16
C ASN A 69 -16.17 4.37 16.82
N PHE A 70 -16.00 3.25 16.15
CA PHE A 70 -16.60 3.02 14.86
C PHE A 70 -18.00 2.53 15.05
N THR A 71 -18.95 3.21 14.44
CA THR A 71 -20.34 2.80 14.56
C THR A 71 -21.09 3.11 13.24
N ASN A 72 -21.70 2.09 12.65
CA ASN A 72 -22.15 2.03 11.23
C ASN A 72 -21.24 2.75 10.25
N CYS A 73 -19.97 2.38 10.36
CA CYS A 73 -18.93 2.99 9.55
C CYS A 73 -18.99 2.49 8.12
N HIS A 74 -19.26 3.40 7.18
CA HIS A 74 -19.32 3.05 5.78
C HIS A 74 -18.11 3.42 5.00
N THR A 75 -17.86 2.61 4.01
CA THR A 75 -16.71 2.74 3.16
C THR A 75 -17.13 2.61 1.72
N LYS A 76 -16.53 3.47 0.91
CA LYS A 76 -16.71 3.49 -0.52
C LYS A 76 -15.35 3.21 -1.10
N ILE A 77 -15.22 2.07 -1.72
CA ILE A 77 -13.95 1.62 -2.30
C ILE A 77 -13.89 2.00 -3.77
N ARG A 78 -12.92 2.86 -4.11
CA ARG A 78 -12.72 3.38 -5.43
C ARG A 78 -11.69 2.62 -6.25
N HIS A 79 -10.68 2.05 -5.63
CA HIS A 79 -9.68 1.27 -6.33
C HIS A 79 -8.85 0.50 -5.36
N VAL A 80 -8.53 -0.70 -5.79
CA VAL A 80 -7.65 -1.60 -5.09
C VAL A 80 -6.54 -2.00 -6.02
N ASP A 81 -5.31 -1.81 -5.57
CA ASP A 81 -4.13 -2.43 -6.12
C ASP A 81 -3.63 -3.55 -5.19
N ALA A 82 -3.29 -4.70 -5.77
CA ALA A 82 -2.82 -5.86 -5.00
C ALA A 82 -1.78 -6.64 -5.78
N HIS A 83 -0.52 -6.58 -5.35
CA HIS A 83 0.58 -7.26 -6.05
C HIS A 83 1.30 -8.19 -5.12
N ALA A 84 2.02 -9.14 -5.73
CA ALA A 84 2.80 -10.13 -5.01
C ALA A 84 3.93 -9.40 -4.37
N THR A 85 4.28 -9.83 -3.17
CA THR A 85 5.36 -9.19 -2.45
C THR A 85 6.35 -10.31 -2.16
N LEU A 86 7.49 -9.95 -1.58
CA LEU A 86 8.45 -10.92 -1.02
C LEU A 86 7.80 -11.95 -0.05
N ASN A 87 8.37 -13.16 -0.05
CA ASN A 87 7.96 -14.29 0.80
C ASN A 87 6.50 -14.64 0.66
N ASP A 88 6.05 -14.72 -0.59
CA ASP A 88 4.69 -15.12 -0.96
C ASP A 88 3.58 -14.22 -0.38
N GLY A 89 3.91 -12.98 0.03
CA GLY A 89 2.91 -12.09 0.61
C GLY A 89 2.18 -11.28 -0.45
N VAL A 90 1.31 -10.39 -0.02
CA VAL A 90 0.49 -9.60 -0.91
C VAL A 90 0.39 -8.23 -0.31
N VAL A 91 0.73 -7.20 -1.09
CA VAL A 91 0.69 -5.83 -0.61
C VAL A 91 -0.48 -5.23 -1.32
N VAL A 92 -1.26 -4.44 -0.56
CA VAL A 92 -2.54 -3.94 -1.01
C VAL A 92 -2.60 -2.43 -0.74
N GLN A 93 -2.92 -1.64 -1.76
CA GLN A 93 -3.22 -0.24 -1.55
C GLN A 93 -4.65 -0.01 -1.93
N VAL A 94 -5.38 0.67 -1.09
CA VAL A 94 -6.78 0.85 -1.29
C VAL A 94 -7.01 2.32 -1.21
N MET A 95 -7.76 2.84 -2.18
CA MET A 95 -8.17 4.25 -2.19
C MET A 95 -9.69 4.29 -2.13
N GLY A 96 -10.23 5.13 -1.25
CA GLY A 96 -11.67 5.17 -1.00
C GLY A 96 -12.12 6.30 -0.09
N LEU A 97 -13.37 6.22 0.32
CA LEU A 97 -13.95 7.24 1.14
C LEU A 97 -14.52 6.51 2.37
N LEU A 98 -14.43 7.18 3.52
N LEU A 98 -14.44 7.17 3.52
CA LEU A 98 -14.84 6.62 4.81
CA LEU A 98 -14.91 6.59 4.76
C LEU A 98 -15.80 7.55 5.55
C LEU A 98 -15.81 7.54 5.52
N SER A 99 -16.83 6.98 6.13
CA SER A 99 -17.83 7.72 6.89
C SER A 99 -18.18 6.97 8.18
N ASN A 100 -17.69 7.47 9.31
CA ASN A 100 -18.09 6.98 10.61
C ASN A 100 -19.34 7.66 11.11
N ASN A 101 -20.29 6.86 11.61
CA ASN A 101 -21.37 7.38 12.44
C ASN A 101 -22.02 8.52 11.72
N ASN A 102 -22.60 8.21 10.57
CA ASN A 102 -23.38 9.12 9.75
C ASN A 102 -22.68 10.38 9.35
N GLN A 103 -21.38 10.36 9.28
CA GLN A 103 -20.75 11.60 8.97
C GLN A 103 -20.26 11.68 7.58
N ALA A 104 -19.68 12.83 7.32
CA ALA A 104 -19.14 13.16 6.03
C ALA A 104 -18.15 12.16 5.57
N LEU A 105 -18.17 11.86 4.28
CA LEU A 105 -17.25 10.92 3.72
C LEU A 105 -15.97 11.64 3.50
N ARG A 106 -14.88 11.00 3.86
CA ARG A 106 -13.54 11.58 3.68
C ARG A 106 -12.62 10.61 2.99
N ARG A 107 -11.85 11.11 2.02
CA ARG A 107 -10.93 10.28 1.23
C ARG A 107 -9.78 9.73 2.05
N PHE A 108 -9.36 8.51 1.73
CA PHE A 108 -8.21 7.92 2.40
C PHE A 108 -7.47 7.00 1.50
N MET A 109 -6.30 6.63 1.97
CA MET A 109 -5.61 5.51 1.43
C MET A 109 -5.27 4.59 2.58
N GLN A 110 -5.23 3.31 2.29
CA GLN A 110 -4.85 2.27 3.22
C GLN A 110 -3.96 1.26 2.55
N THR A 111 -2.84 0.98 3.18
CA THR A 111 -1.81 0.11 2.67
C THR A 111 -1.76 -1.09 3.64
N PHE A 112 -1.94 -2.30 3.13
CA PHE A 112 -1.96 -3.51 3.91
C PHE A 112 -0.84 -4.32 3.36
N VAL A 113 -0.25 -5.12 4.23
CA VAL A 113 0.63 -6.19 3.81
C VAL A 113 0.06 -7.44 4.48
N LEU A 114 -0.06 -8.49 3.68
CA LEU A 114 -0.75 -9.71 4.01
C LEU A 114 0.26 -10.84 3.86
N ALA A 115 0.46 -11.54 4.93
CA ALA A 115 1.43 -12.55 4.95
C ALA A 115 0.79 -13.86 4.96
N PRO A 116 1.34 -14.74 4.18
CA PRO A 116 0.83 -16.08 4.20
C PRO A 116 0.99 -16.51 5.62
N GLU A 117 -0.02 -17.19 6.13
CA GLU A 117 0.07 -17.65 7.50
C GLU A 117 1.05 -18.79 7.69
N GLY A 118 1.72 -19.18 6.62
CA GLY A 118 2.72 -20.21 6.68
C GLY A 118 2.20 -21.58 6.43
N SER A 119 1.74 -22.20 7.49
CA SER A 119 1.23 -23.53 7.40
C SER A 119 0.04 -23.66 6.52
N VAL A 120 -1.06 -23.08 6.97
CA VAL A 120 -2.37 -23.22 6.28
C VAL A 120 -2.43 -22.61 4.84
N ALA A 121 -2.96 -23.39 3.90
CA ALA A 121 -3.08 -22.97 2.49
C ALA A 121 -4.20 -21.93 2.35
N ASN A 122 -3.97 -20.95 1.49
CA ASN A 122 -4.93 -19.85 1.25
C ASN A 122 -5.28 -19.03 2.48
N LYS A 123 -4.44 -19.12 3.49
CA LYS A 123 -4.69 -18.42 4.72
C LYS A 123 -3.59 -17.37 4.73
N PHE A 124 -3.98 -16.20 5.19
CA PHE A 124 -3.11 -15.06 5.33
C PHE A 124 -3.48 -14.33 6.59
N TYR A 125 -2.59 -13.47 7.06
CA TYR A 125 -2.89 -12.56 8.14
C TYR A 125 -2.37 -11.17 7.77
N VAL A 126 -2.85 -10.14 8.47
CA VAL A 126 -2.39 -8.77 8.25
C VAL A 126 -1.15 -8.48 9.08
N HIS A 127 0.00 -8.44 8.41
CA HIS A 127 1.24 -7.97 8.99
C HIS A 127 1.33 -6.45 9.10
N ASN A 128 0.90 -5.70 8.08
CA ASN A 128 0.91 -4.21 8.18
C ASN A 128 -0.41 -3.60 7.74
N ASP A 129 -0.76 -2.45 8.30
CA ASP A 129 -2.02 -1.75 8.04
C ASP A 129 -1.69 -0.28 8.28
N ILE A 130 -1.69 0.52 7.22
CA ILE A 130 -1.35 1.93 7.36
C ILE A 130 -2.47 2.72 6.70
N PHE A 131 -3.17 3.48 7.53
CA PHE A 131 -4.30 4.27 7.09
C PHE A 131 -3.94 5.72 7.20
N ARG A 132 -4.34 6.54 6.23
CA ARG A 132 -4.18 7.98 6.33
C ARG A 132 -5.26 8.70 5.55
N TYR A 133 -5.94 9.65 6.18
CA TYR A 133 -6.82 10.55 5.46
C TYR A 133 -6.03 11.54 4.67
N GLN A 134 -6.40 11.67 3.41
CA GLN A 134 -5.99 12.77 2.59
C GLN A 134 -6.17 14.12 3.27
N ASP A 135 -7.34 14.39 3.83
CA ASP A 135 -7.57 15.77 4.36
C ASP A 135 -6.64 16.13 5.53
N GLU A 136 -6.07 15.16 6.18
CA GLU A 136 -5.13 15.43 7.23
C GLU A 136 -3.73 15.62 6.64
N VAL A 137 -3.61 15.66 5.32
CA VAL A 137 -2.31 15.81 4.68
C VAL A 137 -2.27 16.97 3.70
N PHE A 138 -3.34 17.20 2.97
CA PHE A 138 -3.38 18.29 2.02
C PHE A 138 -4.30 19.32 2.60
N PRO B 6 18.48 -1.46 11.12
CA PRO B 6 18.29 -0.29 10.20
C PRO B 6 16.87 0.35 10.35
N SER B 7 16.81 1.54 10.96
CA SER B 7 15.54 2.27 11.18
C SER B 7 14.72 2.36 9.85
N PRO B 8 13.46 1.86 9.84
CA PRO B 8 12.66 2.02 8.61
C PRO B 8 12.23 3.44 8.31
N LEU B 9 11.77 4.18 9.34
CA LEU B 9 11.28 5.54 9.07
C LEU B 9 12.37 6.38 8.41
N LEU B 10 13.61 6.20 8.87
CA LEU B 10 14.79 6.85 8.33
C LEU B 10 15.18 6.33 6.91
N VAL B 11 15.06 5.03 6.69
CA VAL B 11 15.26 4.43 5.35
C VAL B 11 14.21 4.85 4.31
N GLY B 12 12.92 4.69 4.65
CA GLY B 12 11.83 5.11 3.78
C GLY B 12 12.04 6.54 3.39
N ARG B 13 12.15 7.40 4.39
CA ARG B 13 12.39 8.84 4.17
C ARG B 13 13.62 9.20 3.31
N GLU B 14 14.64 8.37 3.33
CA GLU B 14 15.81 8.62 2.48
C GLU B 14 15.58 8.05 1.10
N PHE B 15 14.92 6.90 1.01
CA PHE B 15 14.60 6.35 -0.30
C PHE B 15 13.74 7.27 -1.14
N VAL B 16 12.82 7.97 -0.49
CA VAL B 16 11.84 8.74 -1.21
C VAL B 16 12.55 9.93 -1.74
N ARG B 17 13.52 10.41 -0.97
CA ARG B 17 14.37 11.52 -1.34
C ARG B 17 15.07 11.19 -2.68
N GLN B 18 15.69 10.03 -2.72
CA GLN B 18 16.44 9.60 -3.90
C GLN B 18 15.54 9.35 -5.07
N TYR B 19 14.43 8.68 -4.83
CA TYR B 19 13.56 8.28 -5.92
C TYR B 19 13.09 9.48 -6.72
N TYR B 20 12.51 10.44 -6.01
CA TYR B 20 11.99 11.66 -6.63
C TYR B 20 13.08 12.69 -7.03
N THR B 21 14.31 12.57 -6.51
CA THR B 21 15.39 13.39 -7.06
C THR B 21 15.78 12.84 -8.44
N LEU B 22 15.94 11.52 -8.52
CA LEU B 22 16.32 10.85 -9.77
C LEU B 22 15.24 10.96 -10.84
N LEU B 23 13.97 10.98 -10.41
CA LEU B 23 12.89 11.17 -11.34
C LEU B 23 12.93 12.52 -11.98
N ASN B 24 13.37 13.52 -11.21
CA ASN B 24 13.52 14.87 -11.74
C ASN B 24 14.72 14.95 -12.69
N GLN B 25 15.83 14.38 -12.27
CA GLN B 25 17.07 14.56 -12.99
C GLN B 25 17.22 13.68 -14.22
N ALA B 26 16.82 12.42 -14.09
CA ALA B 26 17.17 11.42 -15.07
C ALA B 26 16.21 10.22 -15.00
N PRO B 27 14.94 10.44 -15.38
CA PRO B 27 13.90 9.37 -15.34
C PRO B 27 14.32 8.04 -15.96
N ASP B 28 15.10 8.13 -17.04
CA ASP B 28 15.69 6.99 -17.73
C ASP B 28 16.52 6.07 -16.82
N MET B 29 16.94 6.52 -15.64
CA MET B 29 17.67 5.65 -14.69
C MET B 29 16.82 4.95 -13.61
N LEU B 30 15.57 5.38 -13.42
CA LEU B 30 14.77 4.90 -12.30
C LEU B 30 14.75 3.38 -12.20
N HIS B 31 14.61 2.76 -13.37
CA HIS B 31 14.63 1.30 -13.49
C HIS B 31 15.78 0.58 -12.68
N ARG B 32 16.90 1.27 -12.48
CA ARG B 32 17.99 0.75 -11.66
C ARG B 32 17.62 0.48 -10.19
N PHE B 33 16.64 1.22 -9.65
CA PHE B 33 16.04 0.86 -8.35
C PHE B 33 15.38 -0.52 -8.25
N TYR B 34 14.96 -1.10 -9.36
CA TYR B 34 14.06 -2.24 -9.31
C TYR B 34 14.80 -3.56 -9.54
N GLY B 35 14.26 -4.63 -8.96
CA GLY B 35 14.80 -6.00 -9.02
C GLY B 35 14.04 -6.80 -10.03
N LYS B 36 14.59 -7.98 -10.36
CA LYS B 36 14.03 -8.83 -11.44
C LYS B 36 12.54 -9.21 -11.28
N ASN B 37 12.02 -9.23 -10.05
CA ASN B 37 10.62 -9.59 -9.82
C ASN B 37 9.68 -8.44 -9.54
N SER B 38 10.13 -7.20 -9.66
CA SER B 38 9.35 -6.09 -9.14
C SER B 38 8.12 -5.73 -9.99
N SER B 39 7.20 -5.00 -9.41
CA SER B 39 5.99 -4.57 -10.08
C SER B 39 5.88 -3.06 -10.08
N TYR B 40 5.14 -2.49 -11.02
CA TYR B 40 5.03 -1.06 -11.14
C TYR B 40 3.84 -0.47 -11.85
N VAL B 41 3.25 0.54 -11.24
CA VAL B 41 2.21 1.33 -11.84
C VAL B 41 2.43 2.78 -11.51
N HIS B 42 1.83 3.63 -12.31
CA HIS B 42 1.92 5.02 -12.13
C HIS B 42 0.76 5.69 -12.75
N GLY B 43 -0.39 5.45 -12.20
CA GLY B 43 -1.60 6.08 -12.69
C GLY B 43 -2.04 5.57 -14.03
N GLY B 44 -2.84 6.37 -14.69
CA GLY B 44 -3.32 6.02 -16.00
C GLY B 44 -4.57 5.20 -16.06
N LEU B 45 -5.33 5.41 -17.11
CA LEU B 45 -6.54 4.66 -17.31
C LEU B 45 -6.43 4.00 -18.64
N ASP B 46 -7.04 2.84 -18.80
CA ASP B 46 -7.05 2.18 -20.14
C ASP B 46 -8.15 2.85 -20.99
N SER B 47 -8.36 2.37 -22.23
CA SER B 47 -9.40 2.97 -23.12
C SER B 47 -10.84 2.82 -22.65
N ASN B 48 -11.10 1.87 -21.75
CA ASN B 48 -12.40 1.78 -21.09
C ASN B 48 -12.58 2.72 -19.92
N GLY B 49 -11.52 3.40 -19.52
CA GLY B 49 -11.56 4.30 -18.38
C GLY B 49 -11.27 3.57 -17.10
N LYS B 50 -10.76 2.34 -17.18
CA LYS B 50 -10.33 1.63 -15.97
C LYS B 50 -8.82 1.89 -15.70
N PRO B 51 -8.45 1.93 -14.42
CA PRO B 51 -7.07 2.05 -13.98
C PRO B 51 -6.15 1.06 -14.65
N ALA B 52 -4.96 1.54 -15.03
CA ALA B 52 -4.02 0.74 -15.80
C ALA B 52 -3.47 -0.38 -14.96
N ASP B 53 -3.01 -1.42 -15.63
CA ASP B 53 -2.41 -2.54 -14.92
C ASP B 53 -0.94 -2.25 -14.69
N ALA B 54 -0.40 -2.93 -13.72
CA ALA B 54 0.98 -2.92 -13.45
C ALA B 54 1.70 -3.69 -14.53
N VAL B 55 3.03 -3.54 -14.59
CA VAL B 55 3.91 -4.38 -15.40
C VAL B 55 5.05 -4.87 -14.52
N TYR B 56 5.90 -5.77 -15.05
CA TYR B 56 6.81 -6.60 -14.22
C TYR B 56 8.18 -6.79 -14.84
N GLY B 57 9.24 -6.74 -14.03
CA GLY B 57 10.59 -7.00 -14.51
C GLY B 57 11.23 -5.67 -14.76
N GLN B 58 12.53 -5.56 -14.44
CA GLN B 58 13.34 -4.37 -14.74
C GLN B 58 13.10 -3.87 -16.22
N LYS B 59 13.07 -4.81 -17.16
CA LYS B 59 12.88 -4.49 -18.59
C LYS B 59 11.59 -3.71 -18.83
N GLU B 60 10.45 -4.38 -18.74
CA GLU B 60 9.12 -3.74 -18.86
C GLU B 60 8.90 -2.46 -18.04
N ILE B 61 9.45 -2.38 -16.83
CA ILE B 61 9.31 -1.19 -15.99
C ILE B 61 10.01 0.03 -16.62
N HIS B 62 11.12 -0.20 -17.28
CA HIS B 62 11.82 0.86 -17.97
C HIS B 62 11.04 1.32 -19.22
N ARG B 63 10.53 0.37 -19.98
CA ARG B 63 9.68 0.72 -21.10
C ARG B 63 8.57 1.64 -20.60
N LYS B 64 7.86 1.20 -19.55
CA LYS B 64 6.67 1.92 -19.07
C LYS B 64 7.01 3.26 -18.45
N VAL B 65 8.10 3.32 -17.68
CA VAL B 65 8.61 4.65 -17.30
C VAL B 65 8.80 5.55 -18.54
N MET B 66 9.61 5.10 -19.51
CA MET B 66 9.84 5.85 -20.75
C MET B 66 8.52 6.26 -21.37
N SER B 67 7.62 5.33 -21.51
CA SER B 67 6.32 5.60 -22.06
C SER B 67 5.54 6.68 -21.33
N GLN B 68 6.04 7.15 -20.21
CA GLN B 68 5.31 8.13 -19.44
C GLN B 68 5.73 9.54 -19.66
N ASN B 69 6.81 9.72 -20.38
CA ASN B 69 7.37 11.01 -20.69
C ASN B 69 7.52 11.99 -19.58
N PHE B 70 8.39 11.65 -18.67
CA PHE B 70 8.66 12.44 -17.52
C PHE B 70 9.68 13.45 -17.94
N THR B 71 9.38 14.71 -17.73
CA THR B 71 10.26 15.80 -18.11
C THR B 71 10.18 16.95 -17.12
N ASN B 72 11.29 17.24 -16.46
CA ASN B 72 11.40 18.28 -15.44
C ASN B 72 10.32 18.04 -14.41
N CYS B 73 10.32 16.83 -13.89
CA CYS B 73 9.34 16.37 -12.94
C CYS B 73 9.52 16.82 -11.52
N HIS B 74 8.66 17.70 -11.06
CA HIS B 74 8.73 18.22 -9.74
C HIS B 74 7.79 17.55 -8.78
N THR B 75 8.23 17.24 -7.58
CA THR B 75 7.36 16.61 -6.63
C THR B 75 7.35 17.31 -5.28
N LYS B 76 6.16 17.50 -4.73
CA LYS B 76 5.99 18.14 -3.44
C LYS B 76 5.50 17.14 -2.43
N ILE B 77 6.41 16.50 -1.72
CA ILE B 77 6.04 15.50 -0.75
C ILE B 77 5.25 16.02 0.43
N ARG B 78 4.23 15.32 0.83
CA ARG B 78 3.40 15.76 1.96
C ARG B 78 3.28 14.77 3.12
N HIS B 79 3.79 13.56 2.98
CA HIS B 79 3.53 12.52 3.95
C HIS B 79 4.34 11.31 3.61
N VAL B 80 5.19 10.86 4.53
CA VAL B 80 5.91 9.61 4.38
C VAL B 80 5.83 8.86 5.67
N ASP B 81 5.55 7.57 5.57
CA ASP B 81 5.47 6.71 6.73
C ASP B 81 6.02 5.37 6.30
N ALA B 82 6.97 4.82 7.04
CA ALA B 82 7.60 3.53 6.70
C ALA B 82 7.69 2.59 7.90
N HIS B 83 7.59 1.28 7.67
CA HIS B 83 7.56 0.30 8.76
C HIS B 83 8.11 -1.01 8.31
N ALA B 84 8.86 -1.64 9.22
CA ALA B 84 9.47 -2.93 8.98
C ALA B 84 8.40 -3.80 8.50
N THR B 85 8.73 -4.70 7.60
CA THR B 85 7.74 -5.69 7.19
C THR B 85 8.46 -7.00 7.06
N LEU B 86 7.74 -8.06 6.73
CA LEU B 86 8.31 -9.42 6.66
C LEU B 86 9.65 -9.47 5.92
N ASN B 87 10.52 -10.35 6.42
CA ASN B 87 11.96 -10.45 6.03
C ASN B 87 12.63 -9.11 5.86
N ASP B 88 12.66 -8.35 6.95
CA ASP B 88 13.39 -7.06 7.04
C ASP B 88 13.01 -6.01 6.00
N GLY B 89 11.94 -6.24 5.22
CA GLY B 89 11.54 -5.33 4.17
C GLY B 89 11.08 -3.99 4.75
N VAL B 90 10.72 -3.03 3.89
CA VAL B 90 10.13 -1.78 4.36
C VAL B 90 8.96 -1.38 3.47
N VAL B 91 7.77 -1.34 4.06
CA VAL B 91 6.61 -0.81 3.37
C VAL B 91 6.63 0.65 3.67
N VAL B 92 6.43 1.48 2.64
CA VAL B 92 6.47 2.94 2.77
C VAL B 92 5.23 3.43 2.06
N GLN B 93 4.56 4.42 2.65
CA GLN B 93 3.37 4.95 2.15
C GLN B 93 3.59 6.43 1.99
N VAL B 94 3.21 6.95 0.82
CA VAL B 94 3.61 8.26 0.41
C VAL B 94 2.44 8.99 -0.20
N MET B 95 2.24 10.25 0.17
CA MET B 95 1.21 11.12 -0.43
C MET B 95 1.87 12.46 -0.77
N GLY B 96 1.57 12.97 -1.95
CA GLY B 96 2.26 14.17 -2.41
C GLY B 96 1.57 14.71 -3.62
N LEU B 97 2.27 15.59 -4.32
CA LEU B 97 1.76 16.10 -5.59
C LEU B 97 2.89 16.01 -6.57
N LEU B 98 2.55 15.71 -7.81
CA LEU B 98 3.50 15.57 -8.88
C LEU B 98 3.13 16.51 -9.99
N SER B 99 4.14 17.03 -10.65
CA SER B 99 4.01 17.96 -11.75
C SER B 99 4.95 17.51 -12.82
N ASN B 100 4.41 17.19 -13.96
CA ASN B 100 5.22 16.78 -15.04
C ASN B 100 5.21 17.83 -16.08
N ASN B 101 6.33 17.95 -16.76
CA ASN B 101 6.49 18.88 -17.86
C ASN B 101 6.15 20.30 -17.43
N ASN B 102 6.49 20.66 -16.19
CA ASN B 102 6.15 21.99 -15.66
C ASN B 102 4.67 22.31 -15.61
N GLN B 103 3.80 21.33 -15.87
CA GLN B 103 2.35 21.55 -15.88
C GLN B 103 1.85 21.38 -14.46
N ALA B 104 0.54 21.24 -14.24
CA ALA B 104 -0.04 21.32 -12.89
C ALA B 104 0.28 20.15 -11.97
N LEU B 105 0.23 20.45 -10.68
CA LEU B 105 0.53 19.52 -9.60
C LEU B 105 -0.73 18.67 -9.36
N ARG B 106 -0.56 17.35 -9.36
CA ARG B 106 -1.63 16.36 -9.17
C ARG B 106 -1.40 15.46 -7.93
N ARG B 107 -2.43 15.37 -7.08
CA ARG B 107 -2.35 14.60 -5.83
C ARG B 107 -2.14 13.16 -6.16
N PHE B 108 -1.29 12.50 -5.42
CA PHE B 108 -1.18 11.07 -5.60
C PHE B 108 -1.09 10.38 -4.28
N MET B 109 -1.26 9.06 -4.37
CA MET B 109 -1.18 8.19 -3.24
C MET B 109 -0.37 7.03 -3.73
N GLN B 110 0.61 6.59 -2.91
CA GLN B 110 1.55 5.55 -3.32
C GLN B 110 2.07 4.63 -2.20
N THR B 111 2.52 3.44 -2.60
CA THR B 111 3.05 2.46 -1.70
C THR B 111 4.29 1.78 -2.32
N PHE B 112 5.36 1.74 -1.56
CA PHE B 112 6.55 1.06 -1.90
C PHE B 112 6.71 -0.14 -0.94
N VAL B 113 7.25 -1.24 -1.45
CA VAL B 113 7.78 -2.31 -0.66
C VAL B 113 9.24 -2.41 -1.09
N LEU B 114 10.15 -2.17 -0.15
CA LEU B 114 11.59 -2.35 -0.32
C LEU B 114 11.98 -3.68 0.23
N ALA B 115 12.97 -4.30 -0.41
CA ALA B 115 13.54 -5.60 0.01
C ALA B 115 15.05 -5.44 0.18
N PRO B 116 15.66 -6.19 1.12
CA PRO B 116 17.12 -6.04 1.19
C PRO B 116 17.77 -6.67 -0.06
N GLU B 117 18.80 -6.02 -0.62
CA GLU B 117 19.59 -6.66 -1.69
C GLU B 117 20.31 -7.87 -1.10
N GLY B 118 20.28 -7.88 0.22
CA GLY B 118 20.79 -8.96 1.05
C GLY B 118 22.13 -9.48 0.69
N SER B 119 22.67 -8.95 -0.39
CA SER B 119 24.01 -9.32 -0.79
C SER B 119 24.80 -8.56 0.24
N VAL B 120 24.69 -7.25 0.17
CA VAL B 120 25.38 -6.36 1.07
C VAL B 120 24.69 -6.18 2.39
N ALA B 121 24.62 -4.93 2.79
CA ALA B 121 23.98 -4.63 4.03
C ALA B 121 23.57 -3.22 3.85
N ASN B 122 22.52 -2.81 4.53
CA ASN B 122 22.01 -1.46 4.35
C ASN B 122 21.70 -1.11 2.88
N LYS B 123 21.65 -2.12 1.99
CA LYS B 123 21.27 -1.93 0.59
C LYS B 123 19.86 -2.51 0.36
N PHE B 124 19.06 -1.79 -0.44
CA PHE B 124 17.69 -2.22 -0.83
C PHE B 124 17.37 -1.98 -2.33
N TYR B 125 16.46 -2.77 -2.87
CA TYR B 125 15.86 -2.52 -4.17
C TYR B 125 14.33 -2.48 -4.03
N VAL B 126 13.66 -1.78 -4.96
CA VAL B 126 12.20 -1.63 -4.97
C VAL B 126 11.58 -2.87 -5.53
N HIS B 127 10.85 -3.62 -4.70
CA HIS B 127 10.08 -4.80 -5.14
C HIS B 127 8.70 -4.42 -5.66
N ASN B 128 8.07 -3.41 -5.07
CA ASN B 128 6.71 -3.02 -5.46
C ASN B 128 6.63 -1.50 -5.42
N ASP B 129 5.92 -0.91 -6.39
CA ASP B 129 5.74 0.52 -6.53
C ASP B 129 4.32 0.80 -7.08
N ILE B 130 3.38 0.99 -6.18
CA ILE B 130 2.01 1.35 -6.58
C ILE B 130 1.74 2.85 -6.47
N PHE B 131 1.52 3.53 -7.59
CA PHE B 131 1.27 4.95 -7.57
C PHE B 131 -0.01 5.14 -8.30
N ARG B 132 -0.90 5.99 -7.78
CA ARG B 132 -2.10 6.41 -8.52
C ARG B 132 -2.29 7.89 -8.31
N TYR B 133 -2.76 8.60 -9.34
CA TYR B 133 -3.25 9.95 -9.18
C TYR B 133 -4.65 9.89 -8.64
N GLN B 134 -4.95 10.74 -7.67
CA GLN B 134 -6.30 10.86 -7.09
C GLN B 134 -7.35 11.23 -8.11
N ASP B 135 -6.95 12.07 -9.05
CA ASP B 135 -7.89 12.60 -10.07
C ASP B 135 -8.41 11.57 -11.09
N GLU B 136 -7.72 10.45 -11.23
CA GLU B 136 -8.15 9.43 -12.13
C GLU B 136 -9.05 8.44 -11.41
N VAL B 137 -9.05 8.52 -10.08
CA VAL B 137 -9.79 7.60 -9.24
C VAL B 137 -10.99 8.19 -8.54
N PHE B 138 -10.86 9.38 -8.00
CA PHE B 138 -11.95 10.02 -7.34
C PHE B 138 -12.39 11.05 -8.34
N GLY B 139 -12.66 12.26 -7.90
CA GLY B 139 -13.10 13.31 -8.79
C GLY B 139 -12.10 14.42 -8.88
N PRO C 1 -11.58 -21.45 -5.12
CA PRO C 1 -10.65 -21.43 -3.96
C PRO C 1 -10.87 -20.25 -2.92
N GLN C 2 -11.67 -20.44 -1.88
CA GLN C 2 -11.95 -19.40 -0.90
C GLN C 2 -10.81 -19.10 0.02
N TYR C 3 -10.43 -17.84 0.16
CA TYR C 3 -9.27 -17.47 0.96
C TYR C 3 -9.71 -17.19 2.40
N ILE C 4 -8.86 -17.49 3.38
CA ILE C 4 -9.15 -17.17 4.77
C ILE C 4 -8.17 -16.10 5.22
N PHE C 5 -8.66 -15.15 6.03
CA PHE C 5 -7.82 -14.12 6.65
C PHE C 5 -8.07 -14.11 8.12
N GLY C 6 -7.00 -14.31 8.90
CA GLY C 6 -7.07 -14.28 10.32
C GLY C 6 -7.71 -15.52 10.89
N ASP C 7 -8.18 -15.40 12.12
CA ASP C 7 -8.76 -16.52 12.85
C ASP C 7 -10.23 -16.17 12.93
N PHE C 8 -11.09 -16.96 12.31
CA PHE C 8 -12.51 -16.68 12.29
C PHE C 8 -13.30 -17.94 12.28
N SER C 9 -14.52 -17.92 12.81
CA SER C 9 -15.48 -18.99 12.50
C SER C 9 -15.52 -19.32 10.99
N PRO C 10 -15.95 -20.52 10.67
CA PRO C 10 -16.15 -20.82 9.27
C PRO C 10 -17.48 -20.16 9.02
N ASP C 11 -17.63 -19.53 7.87
CA ASP C 11 -18.88 -18.89 7.55
C ASP C 11 -19.11 -17.48 8.12
N GLU C 12 -18.14 -16.93 8.84
CA GLU C 12 -18.19 -15.53 9.25
C GLU C 12 -18.50 -14.57 8.10
N PHE C 13 -17.87 -14.85 6.95
CA PHE C 13 -17.98 -14.06 5.74
C PHE C 13 -18.78 -14.72 4.63
N ASN C 14 -19.50 -15.78 4.95
CA ASN C 14 -20.63 -16.22 4.15
C ASN C 14 -21.95 -15.87 4.85
N GLN C 15 -22.02 -14.75 5.54
CA GLN C 15 -23.33 -14.27 5.98
C GLN C 15 -23.49 -12.88 5.46
N PHE C 16 -24.76 -12.50 5.33
CA PHE C 16 -25.17 -11.22 4.76
C PHE C 16 -26.48 -10.86 5.39
N TYR D 3 22.52 4.59 3.44
CA TYR D 3 21.86 3.39 2.82
C TYR D 3 21.89 3.48 1.29
N ILE D 4 21.85 2.32 0.61
CA ILE D 4 21.97 2.20 -0.87
C ILE D 4 20.71 1.58 -1.50
N PHE D 5 20.32 2.09 -2.68
CA PHE D 5 19.13 1.62 -3.37
C PHE D 5 19.39 1.28 -4.82
N GLY D 6 19.22 0.02 -5.20
CA GLY D 6 19.52 -0.46 -6.55
C GLY D 6 21.02 -0.43 -6.83
N ASP D 7 21.37 -0.46 -8.12
CA ASP D 7 22.77 -0.43 -8.56
C ASP D 7 23.02 0.89 -9.28
N PHE D 8 23.90 1.75 -8.75
CA PHE D 8 24.22 3.03 -9.41
C PHE D 8 25.73 3.31 -9.61
#